data_7RV3
#
_entry.id   7RV3
#
_cell.length_a   30.452
_cell.length_b   72.292
_cell.length_c   55.154
_cell.angle_alpha   90.000
_cell.angle_beta   105.258
_cell.angle_gamma   90.000
#
_symmetry.space_group_name_H-M   'C 1 2 1'
#
loop_
_entity.id
_entity.type
_entity.pdbx_description
1 polymer 'Isoform 2 of B-cell lymphoma 6 protein'
2 non-polymer N-(3-chloropyridin-4-yl)-2-[2-(morpholin-4-yl)-4-oxo-3,4-dihydro-7H-pyrrolo[2,3-d]pyrimidin-7-yl]acetamide
3 non-polymer 'SULFATE ION'
4 non-polymer 'CHLORIDE ION'
5 water water
#
_entity_poly.entity_id   1
_entity_poly.type   'polypeptide(L)'
_entity_poly.pdbx_seq_one_letter_code
;GSADSQIQFTRHASDVLLNLNRLRSRDILTDVVIVVSREQFRAHKTVLMACSGLFYSIFTDQLKRNLSVINLDPEINPEG
FNILLDFMYTSRLNLREGNIMAVMATAMYLQMEHVVDTCRKFIKASE
;
_entity_poly.pdbx_strand_id   A
#
# COMPACT_ATOMS: atom_id res chain seq x y z
N SER A 5 7.66 -0.14 -31.17
CA SER A 5 6.86 -0.03 -32.38
C SER A 5 5.39 0.16 -32.05
N GLN A 6 5.02 -0.11 -30.80
CA GLN A 6 3.62 0.04 -30.41
C GLN A 6 3.32 1.47 -29.97
N ILE A 7 2.09 1.88 -30.18
CA ILE A 7 1.67 3.20 -29.76
C ILE A 7 1.59 3.22 -28.25
N GLN A 8 2.26 4.19 -27.63
CA GLN A 8 2.28 4.30 -26.18
C GLN A 8 1.23 5.29 -25.69
N PHE A 9 0.39 4.84 -24.75
CA PHE A 9 -0.60 5.71 -24.12
C PHE A 9 -0.04 6.19 -22.80
N THR A 10 0.41 7.44 -22.74
CA THR A 10 1.22 7.89 -21.60
C THR A 10 0.44 8.01 -20.30
N ARG A 11 -0.88 8.20 -20.38
N ARG A 11 -0.87 8.20 -20.40
CA ARG A 11 -1.68 8.40 -19.18
CA ARG A 11 -1.71 8.40 -19.21
C ARG A 11 -2.50 7.17 -18.84
C ARG A 11 -2.42 7.14 -18.78
N HIS A 12 -2.28 6.07 -19.55
CA HIS A 12 -3.08 4.88 -19.33
C HIS A 12 -2.87 4.27 -17.93
N ALA A 13 -1.61 4.07 -17.52
CA ALA A 13 -1.35 3.42 -16.23
C ALA A 13 -1.95 4.22 -15.09
N SER A 14 -1.82 5.53 -15.15
CA SER A 14 -2.35 6.36 -14.07
C SER A 14 -3.88 6.33 -14.08
N ASP A 15 -4.47 6.23 -15.27
N ASP A 15 -4.49 6.22 -15.25
CA ASP A 15 -5.92 6.14 -15.43
CA ASP A 15 -5.93 6.16 -15.33
C ASP A 15 -6.42 4.84 -14.82
C ASP A 15 -6.43 4.82 -14.81
N VAL A 16 -5.69 3.77 -15.08
CA VAL A 16 -6.05 2.46 -14.50
C VAL A 16 -6.00 2.53 -12.97
N LEU A 17 -4.93 3.10 -12.44
CA LEU A 17 -4.76 3.14 -10.98
C LEU A 17 -5.87 3.98 -10.34
N LEU A 18 -6.22 5.07 -11.00
CA LEU A 18 -7.28 5.93 -10.55
C LEU A 18 -8.58 5.16 -10.45
N ASN A 19 -8.86 4.38 -11.49
CA ASN A 19 -10.08 3.60 -11.52
C ASN A 19 -10.08 2.45 -10.51
N LEU A 20 -8.90 1.88 -10.23
CA LEU A 20 -8.81 0.86 -9.19
C LEU A 20 -9.11 1.50 -7.81
N ASN A 21 -8.64 2.72 -7.61
CA ASN A 21 -8.92 3.42 -6.37
C ASN A 21 -10.39 3.76 -6.28
N ARG A 22 -11.02 4.12 -7.40
CA ARG A 22 -12.45 4.33 -7.40
C ARG A 22 -13.20 3.05 -7.02
N LEU A 23 -12.75 1.91 -7.54
CA LEU A 23 -13.36 0.66 -7.13
C LEU A 23 -13.16 0.39 -5.64
N ARG A 24 -11.96 0.68 -5.12
CA ARG A 24 -11.70 0.47 -3.70
C ARG A 24 -12.68 1.33 -2.88
N SER A 25 -12.88 2.58 -3.30
CA SER A 25 -13.76 3.48 -2.57
C SER A 25 -15.22 3.03 -2.53
N ARG A 26 -15.60 2.18 -3.47
CA ARG A 26 -16.94 1.63 -3.53
C ARG A 26 -16.96 0.20 -3.06
N ASP A 27 -15.82 -0.29 -2.57
CA ASP A 27 -15.69 -1.66 -2.09
C ASP A 27 -16.08 -2.68 -3.18
N ILE A 28 -15.82 -2.36 -4.43
CA ILE A 28 -16.11 -3.28 -5.51
C ILE A 28 -14.93 -4.20 -5.81
N LEU A 29 -15.19 -5.50 -5.65
CA LEU A 29 -14.23 -6.56 -5.91
C LEU A 29 -13.02 -6.56 -4.97
N THR A 30 -13.08 -5.78 -3.90
CA THR A 30 -12.10 -5.92 -2.86
C THR A 30 -12.22 -7.31 -2.27
N ASP A 31 -11.09 -7.88 -1.90
CA ASP A 31 -11.06 -9.29 -1.54
C ASP A 31 -10.25 -9.55 -0.27
N VAL A 32 -9.91 -8.51 0.46
CA VAL A 32 -9.22 -8.71 1.73
C VAL A 32 -9.46 -7.52 2.63
N VAL A 33 -9.48 -7.78 3.93
CA VAL A 33 -9.41 -6.69 4.87
CA VAL A 33 -9.49 -6.76 4.97
C VAL A 33 -8.14 -6.85 5.67
N ILE A 34 -7.41 -5.72 5.78
CA ILE A 34 -6.16 -5.65 6.49
C ILE A 34 -6.44 -5.00 7.84
N VAL A 35 -6.21 -5.76 8.90
CA VAL A 35 -6.49 -5.32 10.26
C VAL A 35 -5.21 -4.80 10.90
N VAL A 36 -5.25 -3.56 11.37
CA VAL A 36 -4.09 -2.91 11.97
C VAL A 36 -4.55 -2.34 13.29
N SER A 37 -4.27 -3.09 14.36
N SER A 37 -4.31 -3.12 14.34
CA SER A 37 -4.78 -2.80 15.69
CA SER A 37 -4.79 -2.83 15.69
C SER A 37 -6.30 -2.62 15.69
C SER A 37 -6.30 -2.63 15.67
N ARG A 38 -6.79 -1.45 16.03
CA ARG A 38 -8.22 -1.24 16.13
C ARG A 38 -8.87 -0.73 14.85
N GLU A 39 -8.09 -0.62 13.77
CA GLU A 39 -8.61 -0.19 12.47
C GLU A 39 -8.54 -1.31 11.45
N GLN A 40 -9.37 -1.18 10.42
CA GLN A 40 -9.42 -2.14 9.32
C GLN A 40 -9.50 -1.38 8.02
N PHE A 41 -8.88 -1.94 7.00
CA PHE A 41 -8.84 -1.34 5.68
C PHE A 41 -9.03 -2.41 4.63
N ARG A 42 -10.01 -2.20 3.74
N ARG A 42 -10.01 -2.21 3.75
CA ARG A 42 -10.28 -3.14 2.65
CA ARG A 42 -10.22 -3.14 2.67
C ARG A 42 -9.51 -2.75 1.39
C ARG A 42 -9.35 -2.76 1.47
N ALA A 43 -9.04 -3.75 0.65
CA ALA A 43 -8.22 -3.53 -0.53
C ALA A 43 -8.37 -4.68 -1.53
N HIS A 44 -7.71 -4.53 -2.66
CA HIS A 44 -7.57 -5.58 -3.63
C HIS A 44 -6.20 -6.21 -3.44
N LYS A 45 -6.18 -7.52 -3.20
CA LYS A 45 -4.92 -8.22 -3.06
C LYS A 45 -3.97 -7.94 -4.19
N THR A 46 -4.45 -7.83 -5.43
CA THR A 46 -3.56 -7.65 -6.57
C THR A 46 -2.78 -6.36 -6.43
N VAL A 47 -3.44 -5.30 -5.99
CA VAL A 47 -2.74 -4.03 -5.81
C VAL A 47 -1.73 -4.11 -4.65
N LEU A 48 -2.14 -4.70 -3.54
CA LEU A 48 -1.22 -4.89 -2.41
C LEU A 48 0.04 -5.64 -2.85
N MET A 49 -0.15 -6.72 -3.60
CA MET A 49 0.96 -7.51 -4.10
C MET A 49 1.87 -6.70 -5.02
N ALA A 50 1.26 -5.89 -5.86
CA ALA A 50 2.00 -5.06 -6.80
C ALA A 50 2.89 -4.04 -6.09
N CYS A 51 2.54 -3.68 -4.86
CA CYS A 51 3.17 -2.55 -4.20
C CYS A 51 4.00 -2.87 -2.96
N SER A 52 3.96 -4.11 -2.50
CA SER A 52 4.53 -4.46 -1.21
C SER A 52 5.16 -5.83 -1.25
N GLY A 53 6.41 -5.93 -0.80
CA GLY A 53 7.06 -7.22 -0.65
C GLY A 53 6.37 -8.14 0.32
N LEU A 54 5.89 -7.56 1.42
CA LEU A 54 5.21 -8.37 2.42
C LEU A 54 3.95 -9.01 1.83
N PHE A 55 3.11 -8.18 1.22
CA PHE A 55 1.85 -8.70 0.66
C PHE A 55 2.14 -9.60 -0.53
N TYR A 56 3.15 -9.30 -1.33
CA TYR A 56 3.48 -10.19 -2.44
C TYR A 56 3.83 -11.58 -1.90
N SER A 57 4.67 -11.60 -0.88
CA SER A 57 5.12 -12.85 -0.32
CA SER A 57 5.14 -12.87 -0.32
C SER A 57 3.99 -13.62 0.37
N ILE A 58 3.11 -12.90 1.05
CA ILE A 58 1.96 -13.55 1.66
C ILE A 58 1.05 -14.18 0.60
N PHE A 59 0.58 -13.39 -0.36
CA PHE A 59 -0.44 -13.91 -1.25
C PHE A 59 0.08 -14.82 -2.38
N THR A 60 1.37 -14.79 -2.70
CA THR A 60 1.91 -15.75 -3.66
C THR A 60 1.95 -17.17 -3.11
N ASP A 61 2.02 -17.29 -1.79
CA ASP A 61 2.05 -18.58 -1.11
C ASP A 61 0.66 -19.21 -1.18
N GLN A 62 0.55 -20.37 -1.81
CA GLN A 62 -0.76 -20.99 -1.98
C GLN A 62 -1.42 -21.31 -0.64
N LEU A 63 -0.63 -21.30 0.44
CA LEU A 63 -1.17 -21.52 1.77
C LEU A 63 -1.99 -20.33 2.26
N LYS A 64 -1.69 -19.15 1.77
CA LYS A 64 -2.30 -17.92 2.29
C LYS A 64 -3.06 -17.15 1.20
N ARG A 65 -2.97 -17.60 -0.04
CA ARG A 65 -3.50 -16.80 -1.12
C ARG A 65 -4.96 -16.47 -0.98
N ASN A 66 -5.73 -17.38 -0.39
CA ASN A 66 -7.17 -17.20 -0.33
C ASN A 66 -7.67 -16.57 0.96
N LEU A 67 -6.75 -16.15 1.84
CA LEU A 67 -7.13 -15.48 3.06
C LEU A 67 -7.90 -14.19 2.78
N SER A 68 -8.96 -13.98 3.54
CA SER A 68 -9.77 -12.77 3.37
C SER A 68 -9.53 -11.74 4.46
N VAL A 69 -8.78 -12.13 5.49
CA VAL A 69 -8.38 -11.21 6.56
C VAL A 69 -6.90 -11.41 6.83
N ILE A 70 -6.14 -10.31 6.88
CA ILE A 70 -4.75 -10.33 7.31
C ILE A 70 -4.62 -9.41 8.50
N ASN A 71 -4.12 -9.97 9.59
CA ASN A 71 -3.82 -9.21 10.79
C ASN A 71 -2.36 -8.81 10.78
N LEU A 72 -2.10 -7.51 10.67
CA LEU A 72 -0.73 -7.04 10.74
C LEU A 72 -0.25 -7.01 12.18
N ASP A 73 1.06 -6.88 12.33
CA ASP A 73 1.71 -6.69 13.62
C ASP A 73 0.98 -5.57 14.37
N PRO A 74 0.50 -5.86 15.60
CA PRO A 74 -0.17 -4.88 16.48
C PRO A 74 0.64 -3.61 16.73
N GLU A 75 1.96 -3.68 16.56
CA GLU A 75 2.80 -2.51 16.79
C GLU A 75 2.76 -1.53 15.64
N ILE A 76 2.21 -1.94 14.49
CA ILE A 76 2.19 -1.05 13.33
C ILE A 76 1.21 0.10 13.57
N ASN A 77 1.65 1.31 13.28
CA ASN A 77 0.80 2.48 13.40
C ASN A 77 -0.27 2.48 12.28
N PRO A 78 -1.57 2.51 12.65
CA PRO A 78 -2.62 2.45 11.64
C PRO A 78 -2.56 3.62 10.66
N GLU A 79 -2.20 4.82 11.14
CA GLU A 79 -2.10 5.99 10.28
C GLU A 79 -0.96 5.82 9.28
N GLY A 80 0.16 5.28 9.74
CA GLY A 80 1.27 5.01 8.85
C GLY A 80 0.84 4.04 7.76
N PHE A 81 0.13 2.99 8.15
CA PHE A 81 -0.40 2.05 7.17
C PHE A 81 -1.34 2.72 6.16
N ASN A 82 -2.24 3.53 6.68
CA ASN A 82 -3.23 4.21 5.84
C ASN A 82 -2.54 5.09 4.80
N ILE A 83 -1.51 5.81 5.22
CA ILE A 83 -0.76 6.67 4.30
C ILE A 83 -0.15 5.85 3.18
N LEU A 84 0.38 4.68 3.53
CA LEU A 84 1.00 3.82 2.53
C LEU A 84 -0.01 3.15 1.61
N LEU A 85 -1.16 2.73 2.16
CA LEU A 85 -2.25 2.19 1.34
C LEU A 85 -2.72 3.23 0.35
N ASP A 86 -2.91 4.47 0.81
CA ASP A 86 -3.27 5.53 -0.12
C ASP A 86 -2.21 5.73 -1.20
N PHE A 87 -0.93 5.73 -0.83
CA PHE A 87 0.12 5.83 -1.81
C PHE A 87 0.01 4.71 -2.85
N MET A 88 -0.25 3.49 -2.42
CA MET A 88 -0.34 2.38 -3.35
C MET A 88 -1.34 2.66 -4.47
N TYR A 89 -2.46 3.25 -4.10
CA TYR A 89 -3.55 3.50 -5.04
C TYR A 89 -3.51 4.87 -5.73
N THR A 90 -2.54 5.73 -5.40
CA THR A 90 -2.52 7.08 -5.94
C THR A 90 -1.17 7.57 -6.47
N SER A 91 -0.07 6.92 -6.07
CA SER A 91 1.28 7.39 -6.43
C SER A 91 1.71 8.61 -5.64
N ARG A 92 0.89 9.06 -4.70
N ARG A 92 0.92 9.03 -4.66
CA ARG A 92 1.20 10.20 -3.87
CA ARG A 92 1.23 10.21 -3.88
C ARG A 92 1.53 9.72 -2.47
C ARG A 92 1.44 9.87 -2.41
N LEU A 93 2.60 10.26 -1.89
CA LEU A 93 3.04 9.89 -0.57
C LEU A 93 3.04 11.12 0.32
N ASN A 94 2.22 11.08 1.35
CA ASN A 94 2.08 12.21 2.25
C ASN A 94 3.09 12.13 3.39
N LEU A 95 4.30 12.61 3.17
CA LEU A 95 5.34 12.66 4.21
C LEU A 95 5.34 14.02 4.89
N ARG A 96 5.38 13.99 6.21
CA ARG A 96 5.41 15.17 7.03
C ARG A 96 6.33 14.88 8.20
N GLU A 97 6.75 15.91 8.92
CA GLU A 97 7.59 15.71 10.08
C GLU A 97 6.86 14.89 11.14
N GLY A 98 5.57 15.14 11.32
CA GLY A 98 4.77 14.42 12.25
C GLY A 98 4.58 12.94 11.96
N ASN A 99 4.72 12.51 10.71
CA ASN A 99 4.41 11.09 10.35
C ASN A 99 5.65 10.39 9.78
N ILE A 100 6.77 11.04 9.53
CA ILE A 100 7.91 10.45 8.77
C ILE A 100 8.39 9.15 9.44
N MET A 101 8.57 9.12 10.75
CA MET A 101 9.17 7.94 11.40
C MET A 101 8.16 6.77 11.36
N ALA A 102 6.88 7.03 11.57
CA ALA A 102 5.85 5.97 11.54
C ALA A 102 5.79 5.44 10.10
N VAL A 103 5.74 6.27 9.09
CA VAL A 103 5.59 5.86 7.69
C VAL A 103 6.82 5.03 7.30
N MET A 104 8.00 5.50 7.71
CA MET A 104 9.22 4.81 7.33
C MET A 104 9.25 3.41 7.94
N ALA A 105 8.93 3.29 9.22
CA ALA A 105 9.01 1.99 9.87
C ALA A 105 7.96 1.06 9.28
N THR A 106 6.81 1.63 8.91
CA THR A 106 5.75 0.81 8.33
C THR A 106 6.17 0.35 6.93
N ALA A 107 6.81 1.23 6.17
CA ALA A 107 7.28 0.86 4.84
C ALA A 107 8.33 -0.24 4.90
N MET A 108 9.18 -0.21 5.94
CA MET A 108 10.14 -1.30 6.12
C MET A 108 9.43 -2.63 6.35
N TYR A 109 8.45 -2.61 7.23
CA TYR A 109 7.66 -3.79 7.53
C TYR A 109 6.93 -4.31 6.29
N LEU A 110 6.38 -3.39 5.50
CA LEU A 110 5.65 -3.78 4.28
C LEU A 110 6.59 -4.13 3.14
N GLN A 111 7.89 -3.94 3.36
CA GLN A 111 8.89 -4.24 2.33
C GLN A 111 8.62 -3.45 1.05
N MET A 112 8.60 -2.13 1.24
CA MET A 112 8.39 -1.18 0.16
C MET A 112 9.67 -0.37 0.04
N GLU A 113 10.66 -0.94 -0.65
CA GLU A 113 12.05 -0.48 -0.55
C GLU A 113 12.23 0.92 -1.13
N HIS A 114 11.59 1.19 -2.26
CA HIS A 114 11.69 2.49 -2.90
C HIS A 114 11.09 3.56 -2.01
N VAL A 115 9.98 3.24 -1.35
CA VAL A 115 9.39 4.17 -0.39
C VAL A 115 10.32 4.38 0.82
N VAL A 116 10.91 3.31 1.35
CA VAL A 116 11.87 3.48 2.44
C VAL A 116 13.01 4.40 2.02
N ASP A 117 13.51 4.21 0.80
CA ASP A 117 14.59 5.05 0.31
C ASP A 117 14.17 6.52 0.28
N THR A 118 12.93 6.78 -0.16
CA THR A 118 12.38 8.12 -0.21
C THR A 118 12.23 8.72 1.19
N CYS A 119 11.83 7.90 2.15
CA CYS A 119 11.78 8.38 3.54
C CYS A 119 13.18 8.78 4.04
N ARG A 120 14.20 8.02 3.66
CA ARG A 120 15.58 8.34 4.05
CA ARG A 120 15.58 8.33 4.03
C ARG A 120 15.96 9.68 3.43
N LYS A 121 15.57 9.90 2.18
CA LYS A 121 15.85 11.19 1.54
C LYS A 121 15.10 12.33 2.26
N PHE A 122 13.89 12.05 2.71
CA PHE A 122 13.13 13.05 3.45
C PHE A 122 13.82 13.42 4.76
N ILE A 123 14.29 12.40 5.48
CA ILE A 123 15.03 12.63 6.71
C ILE A 123 16.28 13.44 6.42
N LYS A 124 16.96 13.14 5.32
CA LYS A 124 18.18 13.85 5.00
C LYS A 124 17.93 15.32 4.68
N ALA A 125 16.75 15.62 4.15
CA ALA A 125 16.39 16.97 3.73
C ALA A 125 15.73 17.73 4.88
N SER A 126 15.53 17.05 6.01
CA SER A 126 14.96 17.67 7.19
C SER A 126 16.08 18.09 8.14
#